data_8S30
#
_entry.id   8S30
#
_cell.length_a   43.138
_cell.length_b   56.568
_cell.length_c   49.576
_cell.angle_alpha   90.000
_cell.angle_beta   115.740
_cell.angle_gamma   90.000
#
_symmetry.space_group_name_H-M   'P 1 21 1'
#
loop_
_entity.id
_entity.type
_entity.pdbx_description
1 polymer 'Serine/threonine-protein kinase PLK1'
2 polymer 'Protein Mis18-alpha'
3 water water
#
loop_
_entity_poly.entity_id
_entity_poly.type
_entity_poly.pdbx_seq_one_letter_code
_entity_poly.pdbx_strand_id
1 'polypeptide(L)'
;RSMETGEVVDCHLSDMLQQLHSVNASKPSERGLVRQEEAEDPACIPIFWVSKWVDYSDKYGLGYQLCDNSVGVLFNDSTR
LILYNDGDSLQYIERDGTESYLTVSSHPNSLMKKITLLKYFRNYMSEHLLKAGANITPREGDELARLPYLRTWFRTRSAI
ILHLSNGSVQINFFQDHTKLILCPLMAAVTYIDEKRDFRTYRLSLLEEYGCCKELASRLRYARTMVDKLLSSRSASNRLK
AS
;
A
2 'polypeptide(L)' ASMWS(SEP)M B
#
# COMPACT_ATOMS: atom_id res chain seq x y z
N HIS A 12 7.70 -0.68 13.35
CA HIS A 12 7.51 -1.94 12.65
C HIS A 12 8.15 -1.92 11.27
N LEU A 13 8.67 -0.76 10.87
CA LEU A 13 9.55 -0.71 9.70
C LEU A 13 10.81 -1.53 9.94
N SER A 14 11.36 -1.46 11.16
CA SER A 14 12.54 -2.24 11.49
C SER A 14 12.26 -3.74 11.50
N ASP A 15 11.05 -4.12 11.92
CA ASP A 15 10.65 -5.52 11.87
C ASP A 15 10.57 -6.00 10.43
N MET A 16 9.94 -5.21 9.56
CA MET A 16 9.87 -5.65 8.17
C MET A 16 11.25 -5.58 7.51
N LEU A 17 12.14 -4.73 8.02
CA LEU A 17 13.52 -4.74 7.54
C LEU A 17 14.20 -6.07 7.89
N GLN A 18 14.07 -6.52 9.13
CA GLN A 18 14.69 -7.79 9.47
C GLN A 18 14.03 -8.94 8.72
N GLN A 19 12.74 -8.84 8.44
CA GLN A 19 12.09 -9.91 7.69
C GLN A 19 12.58 -9.96 6.25
N LEU A 20 12.71 -8.81 5.60
CA LEU A 20 13.21 -8.79 4.23
C LEU A 20 14.67 -9.22 4.16
N HIS A 21 15.48 -8.75 5.12
CA HIS A 21 16.87 -9.18 5.16
C HIS A 21 17.00 -10.68 5.33
N SER A 22 16.15 -11.26 6.18
CA SER A 22 16.25 -12.69 6.44
C SER A 22 15.99 -13.50 5.17
N VAL A 23 15.02 -13.08 4.35
CA VAL A 23 14.70 -13.85 3.14
C VAL A 23 15.67 -13.51 2.02
N ASN A 24 16.00 -12.22 1.84
CA ASN A 24 16.99 -11.86 0.82
C ASN A 24 18.33 -12.53 1.07
N ALA A 25 18.70 -12.72 2.34
CA ALA A 25 19.99 -13.36 2.63
C ALA A 25 20.02 -14.82 2.19
N SER A 26 18.86 -15.49 2.12
CA SER A 26 18.81 -16.91 1.74
C SER A 26 18.84 -17.13 0.23
N LYS A 27 18.86 -16.06 -0.57
CA LYS A 27 18.87 -16.14 -2.03
C LYS A 27 17.77 -17.04 -2.58
N PRO A 28 16.48 -16.69 -2.35
CA PRO A 28 15.40 -17.67 -2.51
C PRO A 28 15.20 -18.13 -3.95
N SER A 29 15.71 -17.41 -4.93
CA SER A 29 15.58 -17.87 -6.30
C SER A 29 16.73 -18.77 -6.73
N GLU A 30 17.79 -18.85 -5.92
CA GLU A 30 19.01 -19.56 -6.27
C GLU A 30 19.01 -20.98 -5.75
N ARG A 31 17.86 -21.62 -5.66
CA ARG A 31 17.79 -22.95 -5.10
C ARG A 31 17.59 -23.97 -6.22
N GLY A 32 18.04 -25.19 -5.95
CA GLY A 32 17.63 -26.31 -6.77
C GLY A 32 16.20 -26.65 -6.44
N LEU A 33 15.31 -26.56 -7.43
CA LEU A 33 13.87 -26.77 -7.25
C LEU A 33 13.28 -25.71 -6.32
N VAL A 34 12.76 -24.64 -6.91
CA VAL A 34 12.00 -23.65 -6.16
C VAL A 34 10.57 -24.15 -6.02
N ARG A 35 9.93 -23.81 -4.91
CA ARG A 35 8.61 -24.29 -4.55
C ARG A 35 7.85 -23.22 -3.77
N GLN A 36 7.70 -22.05 -4.41
CA GLN A 36 6.90 -20.94 -3.94
C GLN A 36 5.55 -21.34 -3.32
N GLU A 37 4.82 -22.24 -3.99
CA GLU A 37 3.47 -22.60 -3.54
C GLU A 37 3.44 -23.11 -2.09
N GLU A 38 4.53 -23.69 -1.60
CA GLU A 38 4.46 -24.20 -0.24
C GLU A 38 4.53 -23.08 0.81
N ALA A 39 4.84 -21.86 0.38
CA ALA A 39 4.89 -20.70 1.25
C ALA A 39 3.57 -19.92 1.32
N GLU A 40 2.60 -20.25 0.47
CA GLU A 40 1.34 -19.50 0.49
C GLU A 40 0.55 -19.74 1.76
N ASP A 41 0.04 -18.66 2.33
CA ASP A 41 -0.83 -18.72 3.49
C ASP A 41 -1.97 -17.74 3.31
N PRO A 42 -3.16 -18.22 2.93
CA PRO A 42 -4.31 -17.33 2.82
C PRO A 42 -4.66 -16.65 4.13
N ALA A 43 -4.35 -17.28 5.27
CA ALA A 43 -4.71 -16.66 6.55
C ALA A 43 -3.98 -15.34 6.76
N CYS A 44 -2.88 -15.13 6.04
CA CYS A 44 -2.07 -13.94 6.17
C CYS A 44 -2.53 -12.83 5.24
N ILE A 45 -3.55 -13.06 4.42
CA ILE A 45 -4.02 -12.10 3.42
C ILE A 45 -4.28 -10.76 4.12
N PRO A 46 -3.92 -9.62 3.53
CA PRO A 46 -4.08 -8.34 4.24
C PRO A 46 -5.52 -7.85 4.20
N ILE A 47 -5.95 -7.25 5.30
CA ILE A 47 -7.29 -6.67 5.34
C ILE A 47 -7.39 -5.44 4.43
N PHE A 48 -6.34 -4.65 4.36
CA PHE A 48 -6.37 -3.39 3.64
C PHE A 48 -5.19 -3.30 2.70
N TRP A 49 -5.46 -2.72 1.53
CA TRP A 49 -4.42 -2.28 0.62
C TRP A 49 -4.98 -1.10 -0.16
N VAL A 50 -4.12 -0.48 -0.96
CA VAL A 50 -4.48 0.65 -1.81
C VAL A 50 -4.90 0.13 -3.17
N SER A 51 -6.17 0.36 -3.53
CA SER A 51 -6.65 -0.12 -4.82
C SER A 51 -6.50 0.88 -5.96
N LYS A 52 -6.49 2.19 -5.66
CA LYS A 52 -6.35 3.28 -6.64
C LYS A 52 -5.63 4.45 -5.98
N TRP A 53 -4.92 5.24 -6.79
CA TRP A 53 -4.29 6.47 -6.28
C TRP A 53 -4.09 7.48 -7.40
N VAL A 54 -4.01 8.75 -7.01
CA VAL A 54 -3.79 9.85 -7.94
C VAL A 54 -2.78 10.82 -7.32
N ASP A 55 -1.64 10.99 -7.97
CA ASP A 55 -0.60 11.89 -7.49
C ASP A 55 -0.93 13.30 -7.97
N TYR A 56 -1.45 14.12 -7.07
CA TYR A 56 -1.73 15.52 -7.38
C TYR A 56 -0.89 16.44 -6.50
N SER A 57 0.30 15.98 -6.13
CA SER A 57 1.07 16.63 -5.10
C SER A 57 1.72 17.94 -5.56
N ASP A 58 1.56 18.33 -6.82
CA ASP A 58 2.00 19.65 -7.23
C ASP A 58 1.07 20.75 -6.77
N LYS A 59 -0.11 20.39 -6.23
CA LYS A 59 -1.17 21.36 -5.94
C LYS A 59 -1.82 21.07 -4.59
N TYR A 60 -2.24 19.83 -4.40
CA TYR A 60 -3.09 19.48 -3.27
C TYR A 60 -2.51 18.39 -2.39
N GLY A 61 -2.24 17.22 -2.98
CA GLY A 61 -1.64 16.10 -2.27
C GLY A 61 -1.84 14.83 -3.07
N LEU A 62 -1.97 13.72 -2.35
CA LEU A 62 -2.16 12.43 -3.00
C LEU A 62 -3.48 11.85 -2.52
N GLY A 63 -4.36 11.52 -3.45
CA GLY A 63 -5.64 10.92 -3.13
C GLY A 63 -5.58 9.43 -3.44
N TYR A 64 -6.30 8.66 -2.62
CA TYR A 64 -6.24 7.21 -2.74
C TYR A 64 -7.57 6.62 -2.32
N GLN A 65 -7.80 5.40 -2.78
CA GLN A 65 -8.87 4.54 -2.31
C GLN A 65 -8.27 3.32 -1.63
N LEU A 66 -8.95 2.79 -0.62
CA LEU A 66 -8.58 1.50 -0.05
C LEU A 66 -9.57 0.44 -0.55
N CYS A 67 -9.17 -0.83 -0.38
CA CYS A 67 -9.92 -1.90 -1.04
C CYS A 67 -11.36 -2.01 -0.55
N ASP A 68 -11.70 -1.39 0.59
CA ASP A 68 -13.08 -1.41 1.10
C ASP A 68 -13.94 -0.32 0.49
N ASN A 69 -13.39 0.42 -0.46
CA ASN A 69 -13.98 1.56 -1.18
C ASN A 69 -13.97 2.84 -0.37
N SER A 70 -13.37 2.85 0.83
CA SER A 70 -13.13 4.11 1.51
C SER A 70 -12.05 4.88 0.75
N VAL A 71 -12.02 6.21 0.94
CA VAL A 71 -11.09 7.09 0.24
C VAL A 71 -10.41 8.01 1.25
N GLY A 72 -9.24 8.50 0.87
CA GLY A 72 -8.48 9.38 1.74
C GLY A 72 -7.56 10.25 0.93
N VAL A 73 -7.11 11.35 1.54
CA VAL A 73 -6.19 12.28 0.91
C VAL A 73 -5.08 12.59 1.91
N LEU A 74 -3.83 12.51 1.46
CA LEU A 74 -2.71 12.99 2.27
C LEU A 74 -2.34 14.37 1.71
N PHE A 75 -2.74 15.42 2.42
CA PHE A 75 -2.57 16.76 1.88
C PHE A 75 -1.12 17.21 1.97
N ASN A 76 -0.77 18.17 1.11
CA ASN A 76 0.59 18.67 1.00
C ASN A 76 1.12 19.22 2.33
N ASP A 77 0.25 19.60 3.27
CA ASP A 77 0.68 20.04 4.60
C ASP A 77 0.77 18.88 5.61
N SER A 78 0.86 17.64 5.12
CA SER A 78 0.98 16.44 5.96
C SER A 78 -0.21 16.23 6.90
N THR A 79 -1.38 16.76 6.55
CA THR A 79 -2.63 16.39 7.20
C THR A 79 -3.41 15.45 6.28
N ARG A 80 -4.34 14.70 6.86
CA ARG A 80 -5.06 13.69 6.11
C ARG A 80 -6.55 13.76 6.40
N LEU A 81 -7.36 13.47 5.38
CA LEU A 81 -8.82 13.35 5.52
C LEU A 81 -9.21 11.98 5.00
N ILE A 82 -9.97 11.22 5.79
CA ILE A 82 -10.40 9.87 5.44
C ILE A 82 -11.93 9.83 5.45
N LEU A 83 -12.52 9.40 4.33
CA LEU A 83 -13.97 9.22 4.25
C LEU A 83 -14.29 7.73 4.20
N TYR A 84 -15.02 7.25 5.20
CA TYR A 84 -15.39 5.83 5.29
C TYR A 84 -16.30 5.44 4.13
N ASN A 85 -16.41 4.13 3.90
CA ASN A 85 -17.26 3.69 2.80
C ASN A 85 -18.78 3.85 3.08
N ASP A 86 -19.23 4.43 4.18
CA ASP A 86 -20.63 4.81 4.32
C ASP A 86 -20.91 6.19 3.73
N GLY A 87 -19.89 6.87 3.21
CA GLY A 87 -20.07 8.13 2.53
C GLY A 87 -20.43 9.31 3.40
N ASP A 88 -20.21 9.24 4.71
CA ASP A 88 -20.65 10.30 5.60
C ASP A 88 -19.67 10.49 6.75
N SER A 89 -19.21 9.38 7.32
CA SER A 89 -18.31 9.43 8.47
C SER A 89 -16.91 9.86 8.03
N LEU A 90 -16.33 10.80 8.76
CA LEU A 90 -15.06 11.40 8.40
C LEU A 90 -14.06 11.26 9.54
N GLN A 91 -12.79 11.23 9.15
CA GLN A 91 -11.66 11.33 10.06
C GLN A 91 -10.68 12.35 9.51
N TYR A 92 -10.25 13.29 10.34
CA TYR A 92 -9.19 14.23 9.98
C TYR A 92 -7.96 14.00 10.84
N ILE A 93 -6.80 13.94 10.21
CA ILE A 93 -5.55 13.63 10.90
C ILE A 93 -4.63 14.84 10.74
N GLU A 94 -4.34 15.52 11.85
CA GLU A 94 -3.42 16.66 11.79
C GLU A 94 -1.99 16.17 11.65
N ARG A 95 -1.06 17.13 11.47
CA ARG A 95 0.34 16.79 11.24
C ARG A 95 0.94 16.01 12.40
N ASP A 96 0.70 16.46 13.63
CA ASP A 96 1.26 15.77 14.78
C ASP A 96 0.63 14.40 15.02
N GLY A 97 -0.39 14.05 14.24
CA GLY A 97 -1.06 12.77 14.38
C GLY A 97 -2.38 12.82 15.11
N THR A 98 -2.78 13.98 15.64
CA THR A 98 -4.07 14.10 16.33
C THR A 98 -5.22 13.72 15.41
N GLU A 99 -6.10 12.86 15.91
CA GLU A 99 -7.23 12.32 15.15
C GLU A 99 -8.54 12.94 15.61
N SER A 100 -9.38 13.31 14.66
CA SER A 100 -10.68 13.92 14.93
C SER A 100 -11.74 13.20 14.11
N TYR A 101 -12.88 12.91 14.74
CA TYR A 101 -13.99 12.22 14.10
C TYR A 101 -15.04 13.26 13.71
N LEU A 102 -15.34 13.33 12.41
CA LEU A 102 -16.23 14.32 11.83
C LEU A 102 -17.31 13.63 11.01
N THR A 103 -18.29 14.41 10.55
CA THR A 103 -19.17 13.97 9.47
C THR A 103 -19.10 15.01 8.37
N VAL A 104 -19.33 14.55 7.13
CA VAL A 104 -19.31 15.48 6.00
C VAL A 104 -20.44 16.50 6.16
N SER A 105 -21.53 16.11 6.80
CA SER A 105 -22.68 16.98 6.99
C SER A 105 -22.66 17.60 8.38
N PRO A 108 -16.09 20.73 10.95
CA PRO A 108 -16.00 22.17 11.18
C PRO A 108 -15.72 22.99 9.92
N ASN A 109 -16.02 24.29 10.00
CA ASN A 109 -15.89 25.16 8.82
C ASN A 109 -14.44 25.37 8.41
N SER A 110 -13.49 25.17 9.31
CA SER A 110 -12.09 25.36 8.97
C SER A 110 -11.61 24.38 7.91
N LEU A 111 -12.31 23.25 7.74
CA LEU A 111 -11.91 22.22 6.78
C LEU A 111 -12.73 22.21 5.50
N MET A 112 -13.55 23.25 5.24
CA MET A 112 -14.39 23.20 4.05
C MET A 112 -13.55 23.07 2.78
N LYS A 113 -12.38 23.71 2.74
CA LYS A 113 -11.52 23.59 1.56
C LYS A 113 -11.02 22.16 1.38
N LYS A 114 -10.62 21.51 2.46
CA LYS A 114 -10.11 20.13 2.36
C LYS A 114 -11.22 19.16 2.00
N ILE A 115 -12.43 19.40 2.50
CA ILE A 115 -13.54 18.50 2.20
C ILE A 115 -13.94 18.59 0.74
N THR A 116 -13.94 19.81 0.18
CA THR A 116 -14.28 19.93 -1.23
C THR A 116 -13.22 19.32 -2.13
N LEU A 117 -11.98 19.20 -1.65
CA LEU A 117 -10.98 18.47 -2.42
C LEU A 117 -11.14 16.97 -2.25
N LEU A 118 -11.49 16.52 -1.04
CA LEU A 118 -11.79 15.10 -0.88
C LEU A 118 -12.89 14.69 -1.86
N LYS A 119 -13.89 15.56 -2.07
CA LYS A 119 -14.98 15.25 -2.99
C LYS A 119 -14.46 15.01 -4.41
N TYR A 120 -13.62 15.91 -4.91
CA TYR A 120 -12.93 15.66 -6.19
C TYR A 120 -12.33 14.26 -6.22
N PHE A 121 -11.64 13.87 -5.15
CA PHE A 121 -10.99 12.57 -5.21
C PHE A 121 -11.99 11.45 -5.03
N ARG A 122 -13.03 11.68 -4.24
CA ARG A 122 -14.12 10.71 -4.16
C ARG A 122 -14.74 10.50 -5.53
N ASN A 123 -15.08 11.60 -6.21
CA ASN A 123 -15.67 11.45 -7.54
C ASN A 123 -14.75 10.66 -8.45
N TYR A 124 -13.45 10.99 -8.43
CA TYR A 124 -12.46 10.32 -9.26
C TYR A 124 -12.42 8.82 -9.01
N MET A 125 -12.40 8.40 -7.73
CA MET A 125 -12.24 6.97 -7.43
C MET A 125 -13.49 6.19 -7.77
N SER A 126 -14.66 6.78 -7.61
CA SER A 126 -15.88 6.05 -7.91
C SER A 126 -16.03 5.79 -9.41
N GLU A 127 -15.42 6.61 -10.29
CA GLU A 127 -15.67 6.49 -11.73
C GLU A 127 -14.48 6.13 -12.63
N HIS A 128 -13.21 6.20 -12.20
CA HIS A 128 -12.18 6.32 -13.22
C HIS A 128 -11.11 5.24 -13.29
N LEU A 129 -10.55 4.79 -12.20
CA LEU A 129 -9.37 3.92 -12.36
C LEU A 129 -9.70 2.45 -12.11
N LEU A 130 -8.71 1.60 -12.40
CA LEU A 130 -8.81 0.17 -12.12
C LEU A 130 -8.66 -0.10 -10.64
N LYS A 131 -9.46 -1.04 -10.12
CA LYS A 131 -9.39 -1.41 -8.71
C LYS A 131 -8.39 -2.55 -8.58
N ALA A 132 -7.24 -2.26 -8.00
CA ALA A 132 -6.29 -3.33 -7.74
C ALA A 132 -6.90 -4.29 -6.73
N GLY A 133 -6.87 -5.58 -7.04
CA GLY A 133 -7.44 -6.56 -6.14
C GLY A 133 -8.95 -6.55 -6.13
N ALA A 134 -9.56 -6.11 -7.23
CA ALA A 134 -11.01 -5.98 -7.31
C ALA A 134 -11.72 -7.31 -7.08
N ASN A 135 -11.05 -8.42 -7.34
CA ASN A 135 -11.69 -9.73 -7.22
C ASN A 135 -12.02 -10.11 -5.78
N ILE A 136 -11.35 -9.51 -4.80
CA ILE A 136 -11.26 -10.10 -3.47
C ILE A 136 -12.18 -9.39 -2.48
N THR A 137 -12.67 -10.15 -1.51
CA THR A 137 -13.62 -9.64 -0.53
C THR A 137 -12.93 -9.42 0.80
N LEU A 147 -9.90 2.39 7.97
CA LEU A 147 -9.40 2.71 9.31
C LEU A 147 -7.92 3.10 9.30
N PRO A 148 -7.03 2.35 8.64
CA PRO A 148 -5.65 2.83 8.50
C PRO A 148 -5.64 4.03 7.56
N TYR A 149 -4.61 4.85 7.70
CA TYR A 149 -4.43 5.99 6.81
C TYR A 149 -3.02 5.99 6.22
N LEU A 150 -2.88 6.65 5.08
CA LEU A 150 -1.58 6.77 4.43
C LEU A 150 -0.68 7.64 5.29
N ARG A 151 0.31 7.00 5.91
CA ARG A 151 1.31 7.74 6.69
C ARG A 151 2.16 8.60 5.77
N THR A 152 2.75 8.00 4.75
CA THR A 152 3.60 8.75 3.82
C THR A 152 3.70 7.92 2.55
N TRP A 153 4.39 8.48 1.57
CA TRP A 153 4.53 7.85 0.25
C TRP A 153 5.63 8.56 -0.50
N PHE A 154 6.16 7.89 -1.51
CA PHE A 154 6.96 8.60 -2.50
C PHE A 154 6.97 7.79 -3.79
N ARG A 155 7.45 8.43 -4.84
CA ARG A 155 7.60 7.83 -6.14
C ARG A 155 9.08 7.71 -6.47
N THR A 156 9.42 6.66 -7.17
CA THR A 156 10.71 6.51 -7.82
C THR A 156 10.46 6.33 -9.29
N ARG A 157 11.55 6.24 -10.08
CA ARG A 157 11.35 6.08 -11.52
C ARG A 157 10.56 4.82 -11.85
N SER A 158 10.53 3.82 -10.95
CA SER A 158 9.94 2.53 -11.26
C SER A 158 8.74 2.11 -10.40
N ALA A 159 8.41 2.83 -9.33
CA ALA A 159 7.33 2.37 -8.47
C ALA A 159 6.87 3.51 -7.58
N ILE A 160 5.68 3.35 -7.03
CA ILE A 160 5.17 4.19 -5.96
C ILE A 160 5.15 3.35 -4.69
N ILE A 161 5.55 3.98 -3.59
CA ILE A 161 5.76 3.31 -2.33
C ILE A 161 4.79 3.95 -1.36
N LEU A 162 3.95 3.14 -0.73
CA LEU A 162 2.91 3.66 0.14
C LEU A 162 3.02 3.02 1.52
N HIS A 163 3.10 3.85 2.56
CA HIS A 163 3.23 3.41 3.95
C HIS A 163 1.93 3.73 4.70
N LEU A 164 1.24 2.68 5.17
CA LEU A 164 -0.01 2.83 5.92
C LEU A 164 0.26 2.81 7.43
N SER A 165 -0.61 3.49 8.17
CA SER A 165 -0.51 3.61 9.62
C SER A 165 -0.60 2.29 10.38
N ASN A 166 -1.02 1.21 9.72
CA ASN A 166 -1.06 -0.11 10.34
C ASN A 166 0.22 -0.90 10.06
N GLY A 167 1.24 -0.24 9.50
CA GLY A 167 2.54 -0.83 9.31
C GLY A 167 2.72 -1.50 7.97
N SER A 168 1.65 -1.67 7.18
CA SER A 168 1.81 -2.25 5.85
C SER A 168 2.55 -1.27 4.95
N VAL A 169 3.34 -1.81 4.04
CA VAL A 169 4.01 -1.06 2.99
C VAL A 169 3.61 -1.67 1.65
N GLN A 170 3.13 -0.83 0.74
CA GLN A 170 2.74 -1.29 -0.59
C GLN A 170 3.63 -0.65 -1.64
N ILE A 171 4.13 -1.48 -2.56
CA ILE A 171 4.96 -0.99 -3.65
C ILE A 171 4.32 -1.48 -4.96
N ASN A 172 3.81 -0.52 -5.73
CA ASN A 172 3.28 -0.75 -7.07
C ASN A 172 4.34 -0.41 -8.12
N PHE A 173 4.62 -1.35 -9.02
CA PHE A 173 5.60 -1.16 -10.09
C PHE A 173 4.89 -0.73 -11.38
N PHE A 174 5.35 0.39 -11.94
CA PHE A 174 4.61 1.06 -13.01
C PHE A 174 4.63 0.25 -14.30
N GLN A 175 5.79 -0.31 -14.64
CA GLN A 175 5.96 -0.85 -15.99
C GLN A 175 5.11 -2.09 -16.24
N ASP A 176 5.00 -3.00 -15.27
CA ASP A 176 4.33 -4.27 -15.52
C ASP A 176 3.15 -4.53 -14.59
N HIS A 177 2.81 -3.55 -13.74
CA HIS A 177 1.66 -3.59 -12.84
C HIS A 177 1.78 -4.66 -11.75
N THR A 178 2.97 -5.17 -11.47
CA THR A 178 3.10 -6.05 -10.31
C THR A 178 3.07 -5.19 -9.05
N LYS A 179 2.63 -5.79 -7.95
CA LYS A 179 2.48 -5.06 -6.70
C LYS A 179 2.88 -5.96 -5.53
N LEU A 180 3.57 -5.38 -4.56
CA LEU A 180 3.87 -6.06 -3.32
C LEU A 180 3.10 -5.36 -2.21
N ILE A 181 2.50 -6.15 -1.33
CA ILE A 181 1.98 -5.65 -0.07
C ILE A 181 2.71 -6.40 1.03
N LEU A 182 3.42 -5.66 1.86
CA LEU A 182 4.20 -6.23 2.94
C LEU A 182 3.51 -5.88 4.24
N CYS A 183 3.23 -6.89 5.07
CA CYS A 183 2.68 -6.65 6.40
C CYS A 183 3.65 -7.16 7.45
N PRO A 184 4.26 -6.29 8.24
CA PRO A 184 5.22 -6.75 9.25
C PRO A 184 4.57 -7.52 10.39
N LEU A 185 3.24 -7.44 10.56
CA LEU A 185 2.57 -8.14 11.67
C LEU A 185 2.41 -9.63 11.40
N MET A 186 1.91 -9.99 10.21
CA MET A 186 1.86 -11.37 9.77
C MET A 186 3.21 -11.88 9.25
N ALA A 187 4.20 -11.01 9.13
CA ALA A 187 5.48 -11.36 8.51
C ALA A 187 5.24 -12.01 7.15
N ALA A 188 4.42 -11.35 6.35
CA ALA A 188 3.89 -11.87 5.10
C ALA A 188 4.11 -10.87 3.98
N VAL A 189 4.09 -11.37 2.75
CA VAL A 189 4.10 -10.53 1.57
C VAL A 189 3.03 -11.02 0.59
N THR A 190 2.21 -10.10 0.11
CA THR A 190 1.28 -10.39 -0.97
C THR A 190 1.85 -9.85 -2.26
N TYR A 191 1.92 -10.72 -3.27
CA TYR A 191 2.43 -10.43 -4.59
C TYR A 191 1.26 -10.47 -5.55
N ILE A 192 1.06 -9.39 -6.30
CA ILE A 192 0.10 -9.38 -7.41
C ILE A 192 0.93 -9.30 -8.68
N ASP A 193 0.80 -10.30 -9.54
CA ASP A 193 1.66 -10.33 -10.72
C ASP A 193 0.97 -9.63 -11.90
N GLU A 194 1.61 -9.68 -13.07
CA GLU A 194 1.12 -8.89 -14.20
C GLU A 194 -0.24 -9.39 -14.66
N LYS A 195 -0.46 -10.71 -14.60
CA LYS A 195 -1.76 -11.27 -14.90
C LYS A 195 -2.74 -11.14 -13.75
N ARG A 196 -2.41 -10.33 -12.74
CA ARG A 196 -3.27 -10.02 -11.59
C ARG A 196 -3.52 -11.22 -10.68
N ASP A 197 -2.66 -12.24 -10.72
CA ASP A 197 -2.74 -13.34 -9.76
C ASP A 197 -2.31 -12.84 -8.39
N PHE A 198 -3.20 -12.97 -7.41
CA PHE A 198 -3.02 -12.45 -6.06
C PHE A 198 -2.62 -13.62 -5.16
N ARG A 199 -1.40 -13.61 -4.62
CA ARG A 199 -0.93 -14.70 -3.80
C ARG A 199 -0.23 -14.11 -2.58
N THR A 200 -0.51 -14.66 -1.40
CA THR A 200 0.06 -14.21 -0.14
C THR A 200 0.98 -15.27 0.44
N TYR A 201 2.16 -14.86 0.93
CA TYR A 201 3.20 -15.77 1.38
C TYR A 201 3.70 -15.40 2.76
N ARG A 202 4.01 -16.41 3.57
CA ARG A 202 4.77 -16.17 4.79
C ARG A 202 6.25 -15.98 4.44
N LEU A 203 6.83 -14.86 4.85
CA LEU A 203 8.20 -14.57 4.41
C LEU A 203 9.16 -15.62 4.93
N SER A 204 8.95 -16.09 6.16
CA SER A 204 9.81 -17.14 6.69
C SER A 204 9.80 -18.37 5.80
N LEU A 205 8.64 -18.72 5.24
CA LEU A 205 8.56 -19.91 4.40
C LEU A 205 9.14 -19.69 3.02
N LEU A 206 9.22 -18.43 2.56
CA LEU A 206 9.92 -18.12 1.32
C LEU A 206 11.41 -18.41 1.43
N GLU A 207 12.05 -18.16 2.58
CA GLU A 207 13.44 -18.58 2.71
C GLU A 207 13.60 -20.09 2.57
N GLU A 208 12.65 -20.85 3.14
CA GLU A 208 12.76 -22.32 3.16
C GLU A 208 12.60 -22.91 1.77
N TYR A 209 11.50 -22.57 1.10
CA TYR A 209 11.11 -23.20 -0.14
C TYR A 209 11.56 -22.44 -1.38
N GLY A 210 12.00 -21.21 -1.24
CA GLY A 210 12.45 -20.46 -2.38
C GLY A 210 11.32 -19.79 -3.12
N CYS A 211 11.68 -18.99 -4.12
CA CYS A 211 10.69 -18.32 -4.95
C CYS A 211 11.32 -17.98 -6.28
N CYS A 212 10.48 -17.56 -7.22
CA CYS A 212 10.98 -17.23 -8.55
C CYS A 212 11.82 -15.96 -8.50
N LYS A 213 12.64 -15.78 -9.54
CA LYS A 213 13.52 -14.62 -9.64
C LYS A 213 12.75 -13.30 -9.64
N GLU A 214 11.53 -13.28 -10.18
CA GLU A 214 10.79 -12.03 -10.25
C GLU A 214 10.33 -11.57 -8.86
N LEU A 215 9.91 -12.50 -7.99
CA LEU A 215 9.54 -12.09 -6.64
C LEU A 215 10.78 -11.73 -5.84
N ALA A 216 11.83 -12.54 -5.93
CA ALA A 216 13.06 -12.24 -5.20
C ALA A 216 13.64 -10.89 -5.59
N SER A 217 13.54 -10.51 -6.87
CA SER A 217 13.99 -9.18 -7.28
C SER A 217 13.16 -8.08 -6.60
N ARG A 218 11.85 -8.24 -6.54
CA ARG A 218 11.02 -7.20 -5.94
C ARG A 218 11.21 -7.15 -4.42
N LEU A 219 11.53 -8.28 -3.78
CA LEU A 219 11.84 -8.28 -2.35
C LEU A 219 13.15 -7.56 -2.07
N ARG A 220 14.13 -7.70 -2.97
CA ARG A 220 15.35 -6.91 -2.85
C ARG A 220 15.04 -5.41 -3.00
N TYR A 221 14.20 -5.05 -3.99
CA TYR A 221 13.82 -3.65 -4.15
C TYR A 221 13.10 -3.12 -2.91
N ALA A 222 12.15 -3.89 -2.36
CA ALA A 222 11.45 -3.49 -1.14
C ALA A 222 12.41 -3.12 -0.02
N ARG A 223 13.52 -3.86 0.13
CA ARG A 223 14.46 -3.57 1.20
C ARG A 223 15.06 -2.16 1.02
N THR A 224 15.49 -1.83 -0.20
CA THR A 224 16.00 -0.48 -0.43
C THR A 224 14.92 0.56 -0.23
N MET A 225 13.65 0.18 -0.36
CA MET A 225 12.57 1.14 -0.22
C MET A 225 12.18 1.34 1.24
N VAL A 226 12.29 0.29 2.05
CA VAL A 226 12.03 0.46 3.49
C VAL A 226 13.19 1.21 4.14
N ASP A 227 14.42 0.95 3.70
CA ASP A 227 15.55 1.76 4.16
C ASP A 227 15.26 3.23 3.95
N LYS A 228 14.82 3.57 2.74
CA LYS A 228 14.50 4.98 2.45
C LYS A 228 13.37 5.48 3.35
N LEU A 229 12.35 4.64 3.58
CA LEU A 229 11.30 4.99 4.53
C LEU A 229 11.87 5.22 5.92
N LEU A 230 12.87 4.43 6.30
CA LEU A 230 13.51 4.61 7.60
C LEU A 230 14.45 5.81 7.62
N SER A 231 15.00 6.18 6.46
CA SER A 231 15.96 7.27 6.41
C SER A 231 15.29 8.60 6.73
N SER B 2 1.86 15.34 -12.39
CA SER B 2 0.93 14.42 -11.78
C SER B 2 1.20 13.00 -12.26
N MET B 3 0.40 12.08 -11.72
CA MET B 3 0.37 10.70 -12.17
C MET B 3 -0.75 9.98 -11.39
N TRP B 4 -1.13 8.81 -11.89
CA TRP B 4 -2.31 8.06 -11.48
C TRP B 4 -2.04 6.56 -11.55
N SER B 5 -2.79 5.81 -10.75
CA SER B 5 -2.71 4.35 -10.81
C SER B 5 -3.27 3.91 -12.15
N MET B 7 -5.30 2.76 -15.37
CA MET B 7 -6.57 3.23 -15.90
C MET B 7 -7.52 2.07 -16.10
#